data_6E4D
#
_entry.id   6E4D
#
_cell.length_a   52.620
_cell.length_b   68.951
_cell.length_c   62.108
_cell.angle_alpha   90.000
_cell.angle_beta   106.340
_cell.angle_gamma   90.000
#
_symmetry.space_group_name_H-M   'P 1 21 1'
#
loop_
_entity.id
_entity.type
_entity.pdbx_description
1 polymer 'Periplasmic dipeptide-binding lipoprotein DPPA'
2 polymer VAL-VAL-VAL-ALA
3 water water
#
loop_
_entity_poly.entity_id
_entity_poly.type
_entity_poly.pdbx_seq_one_letter_code
_entity_poly.pdbx_strand_id
1 'polypeptide(L)'
;PDVVLVNGGEPPNPLIPTGTNDSNGGRIIDRLFAGLMSYDAVGKPSLEVAQSIESADNVNYRITVKPGWKFTDGSPVTAH
SFVDAWNYGALSTNAQLQQHFFSPIEGFDDVAGAPGDKSRTTMSGLRVVNDLEFTVRLKAPTIDFTLALGHSSFYPLPDS
AFRDMAAFGRNPIGNGPYKLADGPAGPAWEHNVRIDLVPNPDYHGNRKPRNKGLRFEFYANLDTAYADLLSGNLDVLDTI
PPSALTVYQRDLGDHATSGPAAINQTLDTPLRLPHFGGEEGRLRRLALSAAINRPQICQQIFAGTRSPARDFTARSLPGF
DPNLPGNEVLDYDPQRARRLWAQADAISPWSGRYAIAYNADAGHRDWVDAVANSIKNVLGIDAVAAPQPTFAGFRTQITN
RAIDSAFRAGWRGDYPSMIEFLAPLFTAGAGSNDVGYINPEFDAALAAAEAAPTLTESHELVNDAQRILFHDMPVVPLWD
YISVVGWSSQVSNVTVTWNGLPDYENIVKA
;
A
2 'polypeptide(L)' VVVA F
#
# COMPACT_ATOMS: atom_id res chain seq x y z
N PRO A 1 29.68 -1.88 -11.21
CA PRO A 1 28.65 -1.09 -10.49
C PRO A 1 28.51 -1.50 -9.02
N ASP A 2 29.12 -0.70 -8.13
CA ASP A 2 29.08 -0.99 -6.70
C ASP A 2 27.66 -0.98 -6.17
N VAL A 3 26.78 -0.20 -6.76
CA VAL A 3 25.42 -0.01 -6.27
C VAL A 3 24.57 -1.23 -6.59
N VAL A 4 23.62 -1.52 -5.69
CA VAL A 4 22.66 -2.61 -5.89
C VAL A 4 21.56 -2.14 -6.84
N LEU A 5 21.36 -2.87 -7.92
CA LEU A 5 20.33 -2.55 -8.92
C LEU A 5 19.07 -3.35 -8.60
N VAL A 6 17.96 -2.64 -8.34
CA VAL A 6 16.70 -3.27 -8.01
C VAL A 6 15.60 -2.66 -8.88
N ASN A 7 14.49 -3.38 -9.00
CA ASN A 7 13.39 -2.87 -9.80
C ASN A 7 12.50 -1.92 -9.01
N GLY A 8 11.92 -0.96 -9.71
CA GLY A 8 10.92 -0.10 -9.15
C GLY A 8 10.09 0.50 -10.25
N GLY A 9 9.43 1.63 -9.94
CA GLY A 9 8.68 2.37 -10.94
C GLY A 9 8.56 3.83 -10.56
N GLU A 10 8.21 4.65 -11.56
CA GLU A 10 8.06 6.07 -11.34
C GLU A 10 6.97 6.30 -10.29
N PRO A 11 7.23 7.06 -9.24
CA PRO A 11 6.19 7.37 -8.27
C PRO A 11 5.10 8.21 -8.92
N PRO A 12 3.82 7.88 -8.71
CA PRO A 12 2.76 8.75 -9.26
C PRO A 12 2.76 10.13 -8.66
N ASN A 13 3.29 10.32 -7.46
CA ASN A 13 3.18 11.58 -6.76
C ASN A 13 4.54 12.04 -6.25
N PRO A 14 4.67 13.33 -5.93
CA PRO A 14 5.93 13.83 -5.36
C PRO A 14 6.28 13.07 -4.09
N LEU A 15 7.57 13.12 -3.76
CA LEU A 15 8.13 12.32 -2.66
C LEU A 15 7.95 13.03 -1.32
N ILE A 16 6.70 13.15 -0.93
CA ILE A 16 6.26 13.67 0.36
C ILE A 16 5.65 12.49 1.12
N PRO A 17 6.15 12.14 2.31
CA PRO A 17 5.60 10.95 2.98
C PRO A 17 4.08 10.94 3.14
N THR A 18 3.48 12.02 3.63
CA THR A 18 2.03 12.00 3.82
C THR A 18 1.28 12.05 2.51
N GLY A 19 1.96 12.31 1.40
CA GLY A 19 1.34 12.36 0.09
C GLY A 19 1.54 11.11 -0.72
N THR A 20 2.08 10.05 -0.12
CA THR A 20 2.44 8.82 -0.81
C THR A 20 1.57 7.69 -0.30
N ASN A 21 0.76 7.10 -1.18
CA ASN A 21 -0.08 5.96 -0.82
C ASN A 21 0.18 4.73 -1.67
N ASP A 22 1.30 4.69 -2.40
CA ASP A 22 1.55 3.62 -3.36
C ASP A 22 2.94 3.06 -3.15
N SER A 23 3.16 1.86 -3.70
CA SER A 23 4.41 1.14 -3.46
C SER A 23 5.59 1.67 -4.27
N ASN A 24 5.36 2.33 -5.40
CA ASN A 24 6.48 2.90 -6.15
C ASN A 24 7.11 4.04 -5.37
N GLY A 25 6.31 5.03 -4.97
CA GLY A 25 6.82 6.06 -4.11
C GLY A 25 7.23 5.53 -2.75
N GLY A 26 6.48 4.57 -2.22
CA GLY A 26 6.74 4.08 -0.88
C GLY A 26 8.10 3.44 -0.75
N ARG A 27 8.51 2.66 -1.76
CA ARG A 27 9.81 2.01 -1.63
C ARG A 27 10.97 3.01 -1.65
N ILE A 28 10.78 4.20 -2.22
CA ILE A 28 11.80 5.25 -2.15
C ILE A 28 11.73 5.98 -0.81
N ILE A 29 10.53 6.42 -0.44
CA ILE A 29 10.32 7.15 0.80
C ILE A 29 10.90 6.39 1.97
N ASP A 30 10.71 5.07 2.00
CA ASP A 30 11.16 4.30 3.16
C ASP A 30 12.68 4.14 3.20
N ARG A 31 13.39 4.48 2.13
CA ARG A 31 14.84 4.53 2.18
C ARG A 31 15.34 5.87 2.68
N LEU A 32 14.53 6.93 2.48
CA LEU A 32 15.00 8.30 2.75
C LEU A 32 14.73 8.82 4.15
N PHE A 33 13.85 8.19 4.92
CA PHE A 33 13.44 8.70 6.22
C PHE A 33 13.57 7.63 7.30
N ALA A 34 13.67 8.09 8.54
CA ALA A 34 13.58 7.23 9.71
C ALA A 34 12.50 7.79 10.63
N GLY A 35 11.58 6.93 11.04
CA GLY A 35 10.50 7.31 11.92
C GLY A 35 10.74 6.93 13.39
N LEU A 36 9.71 7.19 14.19
CA LEU A 36 9.78 6.90 15.62
C LEU A 36 10.14 5.44 15.86
N MET A 37 9.51 4.54 15.10
CA MET A 37 9.85 3.12 15.07
C MET A 37 10.36 2.76 13.69
N SER A 38 11.10 1.66 13.62
CA SER A 38 11.47 1.02 12.37
C SER A 38 10.96 -0.41 12.41
N TYR A 39 10.72 -0.98 11.23
CA TYR A 39 10.20 -2.34 11.13
C TYR A 39 11.31 -3.28 10.67
N ASP A 40 11.36 -4.47 11.29
CA ASP A 40 12.23 -5.53 10.79
C ASP A 40 11.55 -6.27 9.65
N ALA A 41 12.22 -7.34 9.19
CA ALA A 41 11.76 -8.04 8.00
C ALA A 41 10.42 -8.73 8.20
N VAL A 42 10.03 -9.02 9.44
CA VAL A 42 8.73 -9.61 9.72
C VAL A 42 7.70 -8.58 10.18
N GLY A 43 8.04 -7.29 10.12
CA GLY A 43 7.10 -6.24 10.44
C GLY A 43 7.00 -5.90 11.91
N LYS A 44 7.93 -6.38 12.73
CA LYS A 44 7.91 -6.04 14.14
C LYS A 44 8.58 -4.68 14.33
N PRO A 45 8.00 -3.76 15.08
CA PRO A 45 8.61 -2.45 15.29
C PRO A 45 9.60 -2.43 16.45
N SER A 46 10.62 -1.59 16.29
CA SER A 46 11.60 -1.29 17.32
C SER A 46 11.81 0.22 17.36
N LEU A 47 12.12 0.73 18.55
CA LEU A 47 12.40 2.15 18.70
C LEU A 47 13.55 2.54 17.77
N GLU A 48 13.36 3.63 17.03
CA GLU A 48 14.32 4.10 16.04
C GLU A 48 14.66 5.55 16.40
N VAL A 49 13.91 6.53 15.91
CA VAL A 49 14.14 7.92 16.30
C VAL A 49 13.59 8.18 17.70
N ALA A 50 12.55 7.45 18.12
CA ALA A 50 12.01 7.62 19.46
C ALA A 50 12.94 7.00 20.49
N GLN A 51 13.20 7.75 21.57
CA GLN A 51 13.83 7.18 22.76
C GLN A 51 12.84 6.33 23.55
N SER A 52 11.57 6.72 23.57
CA SER A 52 10.55 5.94 24.24
C SER A 52 9.19 6.30 23.66
N ILE A 53 8.29 5.32 23.65
CA ILE A 53 6.89 5.50 23.28
C ILE A 53 6.09 4.82 24.38
N GLU A 54 5.39 5.60 25.20
CA GLU A 54 4.72 5.09 26.39
C GLU A 54 3.21 5.30 26.24
N SER A 55 2.45 4.22 26.38
CA SER A 55 1.01 4.29 26.54
C SER A 55 0.57 3.09 27.35
N ALA A 56 -0.11 3.35 28.46
CA ALA A 56 -0.71 2.27 29.25
C ALA A 56 -2.11 1.93 28.77
N ASP A 57 -2.71 2.74 27.90
CA ASP A 57 -4.14 2.67 27.63
C ASP A 57 -4.50 2.71 26.16
N ASN A 58 -3.54 2.85 25.24
CA ASN A 58 -3.81 3.00 23.81
C ASN A 58 -4.64 4.25 23.51
N VAL A 59 -4.67 5.19 24.46
CA VAL A 59 -5.34 6.47 24.31
C VAL A 59 -4.36 7.62 24.48
N ASN A 60 -3.59 7.60 25.57
CA ASN A 60 -2.63 8.65 25.88
C ASN A 60 -1.24 8.12 25.60
N TYR A 61 -0.46 8.88 24.83
CA TYR A 61 0.88 8.51 24.44
C TYR A 61 1.83 9.62 24.84
N ARG A 62 2.95 9.22 25.42
CA ARG A 62 4.08 10.13 25.66
C ARG A 62 5.23 9.64 24.79
N ILE A 63 5.74 10.51 23.93
CA ILE A 63 6.78 10.17 22.97
C ILE A 63 7.98 11.07 23.24
N THR A 64 9.13 10.47 23.49
CA THR A 64 10.37 11.22 23.60
C THR A 64 11.25 10.88 22.40
N VAL A 65 11.93 11.90 21.90
CA VAL A 65 12.75 11.80 20.70
C VAL A 65 14.20 11.69 21.12
N LYS A 66 14.93 10.75 20.54
CA LYS A 66 16.35 10.63 20.83
C LYS A 66 17.06 11.91 20.41
N PRO A 67 17.97 12.43 21.23
CA PRO A 67 18.72 13.63 20.83
C PRO A 67 19.75 13.29 19.76
N GLY A 68 20.12 14.32 18.99
CA GLY A 68 21.23 14.21 18.05
C GLY A 68 20.89 13.74 16.65
N TRP A 69 19.62 13.48 16.34
CA TRP A 69 19.25 13.12 14.98
C TRP A 69 19.17 14.38 14.13
N LYS A 70 19.55 14.23 12.87
CA LYS A 70 19.44 15.38 11.93
C LYS A 70 19.07 14.92 10.53
N PHE A 71 18.53 15.86 9.77
CA PHE A 71 18.28 15.69 8.35
C PHE A 71 19.57 15.95 7.57
N THR A 72 19.58 15.55 6.30
CA THR A 72 20.79 15.65 5.51
C THR A 72 21.12 17.08 5.11
N ASP A 73 20.25 18.04 5.41
CA ASP A 73 20.60 19.45 5.27
C ASP A 73 21.28 19.98 6.53
N GLY A 74 21.51 19.12 7.53
CA GLY A 74 22.16 19.50 8.76
C GLY A 74 21.23 19.90 9.88
N SER A 75 19.93 20.13 9.59
CA SER A 75 19.02 20.63 10.61
C SER A 75 18.59 19.49 11.53
N PRO A 76 18.23 19.79 12.78
CA PRO A 76 17.90 18.73 13.74
C PRO A 76 16.50 18.17 13.56
N VAL A 77 16.36 16.91 13.97
CA VAL A 77 15.06 16.25 14.07
C VAL A 77 14.55 16.49 15.49
N THR A 78 13.44 17.19 15.62
CA THR A 78 12.91 17.54 16.92
C THR A 78 11.46 17.05 17.03
N ALA A 79 10.86 17.24 18.19
CA ALA A 79 9.43 16.97 18.31
C ALA A 79 8.63 17.73 17.26
N HIS A 80 9.08 18.95 16.91
CA HIS A 80 8.36 19.74 15.92
C HIS A 80 8.42 19.11 14.53
N SER A 81 9.55 18.49 14.20
CA SER A 81 9.65 17.80 12.91
C SER A 81 8.57 16.75 12.74
N PHE A 82 8.17 16.11 13.85
CA PHE A 82 7.07 15.15 13.81
C PHE A 82 5.72 15.85 13.85
N VAL A 83 5.51 16.72 14.83
CA VAL A 83 4.18 17.30 15.02
C VAL A 83 3.77 18.12 13.80
N ASP A 84 4.69 18.92 13.25
CA ASP A 84 4.36 19.73 12.08
C ASP A 84 4.04 18.84 10.87
N ALA A 85 4.76 17.73 10.71
CA ALA A 85 4.49 16.83 9.59
C ALA A 85 3.15 16.14 9.76
N TRP A 86 2.81 15.74 10.98
CA TRP A 86 1.54 15.05 11.21
C TRP A 86 0.37 16.01 11.01
N ASN A 87 0.48 17.23 11.52
CA ASN A 87 -0.56 18.22 11.30
C ASN A 87 -0.69 18.54 9.81
N TYR A 88 0.43 18.61 9.09
CA TYR A 88 0.36 18.83 7.64
C TYR A 88 -0.42 17.71 6.97
N GLY A 89 -0.14 16.47 7.36
CA GLY A 89 -0.85 15.34 6.79
C GLY A 89 -2.33 15.32 7.10
N ALA A 90 -2.70 15.77 8.31
CA ALA A 90 -4.09 15.67 8.74
C ALA A 90 -4.97 16.77 8.16
N LEU A 91 -4.42 17.94 7.88
CA LEU A 91 -5.22 19.10 7.48
C LEU A 91 -5.79 18.88 6.08
N SER A 92 -7.11 18.96 5.96
CA SER A 92 -7.73 18.67 4.67
C SER A 92 -7.24 19.62 3.59
N THR A 93 -6.93 20.86 3.95
CA THR A 93 -6.44 21.83 2.97
C THR A 93 -5.22 21.31 2.21
N ASN A 94 -4.42 20.45 2.82
CA ASN A 94 -3.21 19.96 2.17
C ASN A 94 -3.46 18.74 1.29
N ALA A 95 -4.64 18.14 1.35
CA ALA A 95 -5.04 17.09 0.42
C ALA A 95 -4.00 15.96 0.36
N GLN A 96 -3.59 15.50 1.53
CA GLN A 96 -2.58 14.44 1.63
C GLN A 96 -3.25 13.07 1.61
N LEU A 97 -2.80 12.23 0.69
CA LEU A 97 -3.43 10.91 0.54
C LEU A 97 -3.36 10.05 1.80
N GLN A 98 -2.40 10.30 2.69
CA GLN A 98 -2.30 9.51 3.90
C GLN A 98 -3.04 10.13 5.09
N GLN A 99 -3.89 11.13 4.84
CA GLN A 99 -4.62 11.81 5.91
C GLN A 99 -5.25 10.84 6.89
N HIS A 100 -5.85 9.76 6.40
CA HIS A 100 -6.64 8.90 7.27
C HIS A 100 -5.83 8.28 8.40
N PHE A 101 -4.51 8.19 8.25
CA PHE A 101 -3.69 7.64 9.33
C PHE A 101 -3.72 8.50 10.58
N PHE A 102 -4.11 9.77 10.46
CA PHE A 102 -4.19 10.65 11.62
C PHE A 102 -5.57 10.64 12.26
N SER A 103 -6.52 9.90 11.68
CA SER A 103 -7.90 9.96 12.13
C SER A 103 -8.12 9.61 13.60
N PRO A 104 -7.30 8.78 14.26
CA PRO A 104 -7.56 8.48 15.67
C PRO A 104 -7.25 9.64 16.63
N ILE A 105 -6.54 10.67 16.19
CA ILE A 105 -6.02 11.69 17.08
C ILE A 105 -7.11 12.71 17.41
N GLU A 106 -7.23 13.06 18.68
CA GLU A 106 -8.18 14.09 19.08
C GLU A 106 -7.85 15.39 18.37
N GLY A 107 -8.87 16.03 17.81
CA GLY A 107 -8.68 17.22 17.01
C GLY A 107 -8.64 16.97 15.52
N PHE A 108 -8.48 15.70 15.12
CA PHE A 108 -8.52 15.38 13.69
C PHE A 108 -9.77 15.92 13.04
N ASP A 109 -10.92 15.80 13.72
CA ASP A 109 -12.17 16.25 13.13
C ASP A 109 -12.18 17.74 12.87
N ASP A 110 -11.44 18.51 13.67
CA ASP A 110 -11.39 19.95 13.46
C ASP A 110 -10.69 20.30 12.15
N VAL A 111 -9.73 19.48 11.73
CA VAL A 111 -8.88 19.80 10.58
C VAL A 111 -9.21 18.97 9.34
N ALA A 112 -9.97 17.89 9.47
CA ALA A 112 -10.07 16.92 8.39
C ALA A 112 -11.40 16.90 7.64
N GLY A 113 -12.48 17.36 8.25
CA GLY A 113 -13.77 17.32 7.56
C GLY A 113 -13.71 17.98 6.21
N ALA A 114 -12.98 19.08 6.12
CA ALA A 114 -12.75 19.82 4.89
C ALA A 114 -11.80 20.95 5.24
N PRO A 115 -11.39 21.76 4.28
CA PRO A 115 -10.68 22.99 4.67
C PRO A 115 -11.48 23.71 5.74
N GLY A 116 -12.72 24.08 5.42
CA GLY A 116 -13.65 24.59 6.40
C GLY A 116 -13.32 25.98 6.91
N ASP A 117 -14.34 26.69 7.40
CA ASP A 117 -14.13 27.87 8.23
C ASP A 117 -13.79 27.49 9.66
N LYS A 118 -13.26 26.29 9.84
CA LYS A 118 -12.99 25.76 11.17
C LYS A 118 -12.05 26.67 11.94
N SER A 119 -11.15 27.36 11.23
CA SER A 119 -10.17 28.27 11.79
C SER A 119 -9.04 27.53 12.49
N ARG A 120 -9.12 26.21 12.62
CA ARG A 120 -8.07 25.42 13.25
C ARG A 120 -7.29 24.69 12.17
N THR A 121 -5.96 24.77 12.27
CA THR A 121 -5.08 24.13 11.31
C THR A 121 -4.26 23.02 11.94
N THR A 122 -4.38 22.79 13.25
CA THR A 122 -3.62 21.77 13.95
C THR A 122 -4.54 20.98 14.88
N MET A 123 -4.09 19.80 15.26
CA MET A 123 -4.89 18.88 16.07
C MET A 123 -4.63 19.08 17.55
N SER A 124 -5.70 19.33 18.31
CA SER A 124 -5.57 19.63 19.73
C SER A 124 -4.92 18.50 20.51
N GLY A 125 -5.10 17.26 20.07
CA GLY A 125 -4.57 16.11 20.77
C GLY A 125 -3.07 15.89 20.63
N LEU A 126 -2.42 16.70 19.80
CA LEU A 126 -0.99 16.57 19.51
C LEU A 126 -0.29 17.77 20.13
N ARG A 127 0.51 17.54 21.16
CA ARG A 127 1.01 18.64 22.01
C ARG A 127 2.51 18.49 22.23
N VAL A 128 3.26 19.50 21.83
CA VAL A 128 4.69 19.52 22.14
C VAL A 128 4.86 19.85 23.61
N VAL A 129 5.71 19.08 24.29
CA VAL A 129 6.08 19.32 25.67
C VAL A 129 7.42 20.04 25.74
N ASN A 130 8.40 19.54 24.99
CA ASN A 130 9.69 20.22 24.86
C ASN A 130 10.29 19.82 23.52
N ASP A 131 11.51 20.30 23.27
CA ASP A 131 12.15 20.09 21.97
C ASP A 131 12.18 18.63 21.57
N LEU A 132 12.22 17.72 22.54
CA LEU A 132 12.35 16.29 22.24
C LEU A 132 11.25 15.48 22.91
N GLU A 133 10.08 16.10 23.14
CA GLU A 133 8.99 15.34 23.75
C GLU A 133 7.66 15.92 23.30
N PHE A 134 6.74 15.02 22.93
CA PHE A 134 5.37 15.42 22.63
C PHE A 134 4.41 14.32 23.09
N THR A 135 3.15 14.72 23.29
CA THR A 135 2.11 13.79 23.69
C THR A 135 1.06 13.68 22.59
N VAL A 136 0.40 12.54 22.57
CA VAL A 136 -0.69 12.27 21.65
C VAL A 136 -1.89 11.77 22.44
N ARG A 137 -3.03 12.42 22.26
CA ARG A 137 -4.28 11.98 22.86
C ARG A 137 -5.20 11.53 21.75
N LEU A 138 -5.60 10.26 21.80
CA LEU A 138 -6.52 9.70 20.83
C LEU A 138 -7.97 9.84 21.29
N LYS A 139 -8.89 9.86 20.32
CA LYS A 139 -10.30 9.99 20.63
C LYS A 139 -10.83 8.75 21.36
N ALA A 140 -10.25 7.60 21.10
CA ALA A 140 -10.69 6.33 21.66
C ALA A 140 -9.50 5.39 21.67
N PRO A 141 -9.54 4.32 22.46
CA PRO A 141 -8.46 3.34 22.40
C PRO A 141 -8.29 2.86 20.97
N THR A 142 -7.03 2.76 20.53
CA THR A 142 -6.71 2.44 19.15
C THR A 142 -5.60 1.40 19.18
N ILE A 143 -5.97 0.14 18.94
CA ILE A 143 -5.07 -0.98 19.23
C ILE A 143 -3.81 -0.95 18.37
N ASP A 144 -3.89 -0.40 17.15
CA ASP A 144 -2.78 -0.41 16.22
C ASP A 144 -1.93 0.85 16.26
N PHE A 145 -2.24 1.84 17.09
CA PHE A 145 -1.56 3.12 16.94
C PHE A 145 -0.05 3.00 17.16
N THR A 146 0.37 2.27 18.20
CA THR A 146 1.79 2.10 18.45
C THR A 146 2.46 1.41 17.27
N LEU A 147 1.87 0.29 16.83
CA LEU A 147 2.43 -0.47 15.72
C LEU A 147 2.59 0.39 14.47
N ALA A 148 1.67 1.32 14.25
CA ALA A 148 1.67 2.17 13.06
C ALA A 148 2.78 3.20 13.06
N LEU A 149 3.49 3.39 14.16
CA LEU A 149 4.45 4.48 14.23
C LEU A 149 5.76 4.20 13.50
N GLY A 150 5.89 3.05 12.85
CA GLY A 150 6.92 2.87 11.87
C GLY A 150 6.51 3.23 10.46
N HIS A 151 5.25 3.60 10.24
CA HIS A 151 4.76 3.85 8.90
C HIS A 151 5.10 5.26 8.41
N SER A 152 5.23 5.38 7.09
CA SER A 152 5.72 6.61 6.48
C SER A 152 4.83 7.82 6.75
N SER A 153 3.54 7.62 7.01
CA SER A 153 2.70 8.78 7.28
C SER A 153 3.24 9.60 8.45
N PHE A 154 3.91 8.94 9.38
CA PHE A 154 4.38 9.58 10.60
C PHE A 154 5.84 10.06 10.51
N TYR A 155 6.47 9.99 9.35
CA TYR A 155 7.85 10.42 9.23
C TYR A 155 8.01 11.90 9.55
N PRO A 156 9.15 12.29 10.10
CA PRO A 156 9.43 13.71 10.36
C PRO A 156 9.93 14.42 9.12
N LEU A 157 9.70 15.74 9.08
CA LEU A 157 10.15 16.55 7.95
C LEU A 157 11.01 17.71 8.43
N PRO A 158 11.95 18.15 7.61
CA PRO A 158 12.74 19.35 7.97
C PRO A 158 11.90 20.61 7.83
N ASP A 159 12.28 21.64 8.60
CA ASP A 159 11.54 22.90 8.60
C ASP A 159 11.36 23.47 7.20
N SER A 160 12.41 23.37 6.37
CA SER A 160 12.35 23.97 5.05
C SER A 160 11.19 23.42 4.24
N ALA A 161 10.84 22.14 4.45
CA ALA A 161 9.77 21.54 3.67
C ALA A 161 8.52 22.42 3.68
N PHE A 162 8.19 22.98 4.84
CA PHE A 162 6.88 23.62 4.94
C PHE A 162 6.83 24.96 4.23
N ARG A 163 7.99 25.54 3.91
CA ARG A 163 8.01 26.81 3.19
C ARG A 163 7.75 26.63 1.69
N ASP A 164 7.92 25.42 1.17
CA ASP A 164 7.66 25.13 -0.24
C ASP A 164 7.56 23.62 -0.42
N MET A 165 6.38 23.07 -0.18
CA MET A 165 6.27 21.62 -0.17
C MET A 165 6.39 21.02 -1.58
N ALA A 166 6.01 21.76 -2.63
CA ALA A 166 6.20 21.26 -3.98
C ALA A 166 7.69 21.06 -4.28
N ALA A 167 8.51 22.05 -3.92
CA ALA A 167 9.95 21.94 -4.08
C ALA A 167 10.47 20.74 -3.29
N PHE A 168 9.99 20.57 -2.06
CA PHE A 168 10.43 19.43 -1.25
C PHE A 168 10.10 18.12 -1.94
N GLY A 169 8.89 18.00 -2.49
CA GLY A 169 8.48 16.77 -3.13
C GLY A 169 9.30 16.44 -4.37
N ARG A 170 9.89 17.46 -4.99
CA ARG A 170 10.77 17.20 -6.13
C ARG A 170 12.18 16.81 -5.69
N ASN A 171 12.61 17.25 -4.50
CA ASN A 171 13.97 17.01 -4.02
C ASN A 171 13.92 16.79 -2.51
N PRO A 172 13.42 15.66 -2.07
CA PRO A 172 13.18 15.48 -0.64
C PRO A 172 14.47 15.42 0.16
N ILE A 173 14.37 15.89 1.40
CA ILE A 173 15.47 15.88 2.36
C ILE A 173 14.98 15.11 3.57
N GLY A 174 15.65 14.00 3.87
CA GLY A 174 15.26 13.15 4.97
C GLY A 174 16.34 12.91 6.00
N ASN A 175 16.09 11.92 6.86
CA ASN A 175 16.96 11.59 7.98
C ASN A 175 17.27 10.09 8.02
N GLY A 176 17.00 9.37 6.93
CA GLY A 176 17.04 7.93 6.94
C GLY A 176 18.34 7.31 6.43
N PRO A 177 18.30 6.00 6.20
CA PRO A 177 19.55 5.28 5.89
C PRO A 177 20.19 5.66 4.58
N TYR A 178 19.41 6.10 3.60
CA TYR A 178 19.93 6.55 2.31
C TYR A 178 19.49 7.99 2.09
N LYS A 179 20.09 8.61 1.07
CA LYS A 179 19.71 9.93 0.60
C LYS A 179 19.81 9.92 -0.93
N LEU A 180 19.15 10.88 -1.56
CA LEU A 180 19.27 11.00 -3.00
C LEU A 180 20.73 11.25 -3.38
N ALA A 181 21.18 10.60 -4.45
CA ALA A 181 22.56 10.70 -4.87
C ALA A 181 22.88 12.11 -5.34
N ASP A 182 24.16 12.46 -5.26
CA ASP A 182 24.69 13.65 -5.92
C ASP A 182 25.30 13.23 -7.25
N GLY A 183 24.42 12.77 -8.13
CA GLY A 183 24.81 12.08 -9.34
C GLY A 183 25.91 12.77 -10.12
N PRO A 184 26.83 11.98 -10.70
CA PRO A 184 27.90 12.57 -11.50
C PRO A 184 27.49 12.94 -12.92
N ALA A 185 26.32 12.49 -13.39
CA ALA A 185 25.87 12.75 -14.75
C ALA A 185 24.34 12.92 -14.75
N GLY A 186 23.89 14.00 -14.12
CA GLY A 186 22.48 14.33 -14.11
C GLY A 186 21.83 14.16 -12.76
N PRO A 187 20.52 14.41 -12.69
CA PRO A 187 19.83 14.33 -11.40
C PRO A 187 19.68 12.90 -10.91
N ALA A 188 19.59 12.76 -9.58
CA ALA A 188 19.40 11.45 -8.98
C ALA A 188 18.10 10.81 -9.45
N TRP A 189 17.05 11.61 -9.59
CA TRP A 189 15.74 11.12 -10.02
C TRP A 189 15.57 11.50 -11.49
N GLU A 190 15.74 10.53 -12.37
CA GLU A 190 15.48 10.71 -13.79
C GLU A 190 14.07 10.17 -14.01
N HIS A 191 13.11 11.08 -14.15
CA HIS A 191 11.71 10.69 -14.18
C HIS A 191 11.45 9.64 -15.25
N ASN A 192 10.75 8.58 -14.87
CA ASN A 192 10.36 7.49 -15.74
C ASN A 192 11.55 6.62 -16.14
N VAL A 193 12.70 6.80 -15.51
CA VAL A 193 13.90 6.01 -15.83
C VAL A 193 14.43 5.34 -14.57
N ARG A 194 14.86 6.12 -13.58
CA ARG A 194 15.42 5.52 -12.37
C ARG A 194 15.57 6.55 -11.28
N ILE A 195 15.82 6.06 -10.06
CA ILE A 195 16.24 6.89 -8.93
C ILE A 195 17.49 6.27 -8.31
N ASP A 196 18.50 7.10 -8.07
CA ASP A 196 19.76 6.67 -7.48
C ASP A 196 19.88 7.21 -6.06
N LEU A 197 20.19 6.31 -5.12
CA LEU A 197 20.37 6.64 -3.71
C LEU A 197 21.75 6.19 -3.25
N VAL A 198 22.29 6.93 -2.29
CA VAL A 198 23.56 6.57 -1.66
C VAL A 198 23.37 6.55 -0.16
N PRO A 199 24.24 5.87 0.58
CA PRO A 199 24.10 5.86 2.04
C PRO A 199 24.16 7.27 2.62
N ASN A 200 23.38 7.47 3.68
CA ASN A 200 23.40 8.72 4.43
C ASN A 200 24.42 8.60 5.55
N PRO A 201 25.56 9.28 5.49
CA PRO A 201 26.58 9.11 6.54
C PRO A 201 26.17 9.62 7.91
N ASP A 202 25.11 10.42 8.02
CA ASP A 202 24.64 10.87 9.33
C ASP A 202 23.93 9.77 10.09
N TYR A 203 23.45 8.75 9.39
CA TYR A 203 22.46 7.84 9.95
C TYR A 203 23.12 6.75 10.77
N HIS A 204 22.63 6.55 12.00
CA HIS A 204 23.14 5.52 12.89
C HIS A 204 22.00 4.78 13.58
N GLY A 205 20.95 4.47 12.83
CA GLY A 205 19.79 3.78 13.36
C GLY A 205 19.83 2.27 13.14
N ASN A 206 18.65 1.67 13.18
CA ASN A 206 18.49 0.22 13.13
C ASN A 206 18.64 -0.38 11.74
N ARG A 207 18.67 0.43 10.69
CA ARG A 207 18.71 -0.07 9.32
C ARG A 207 19.92 0.45 8.57
N LYS A 208 21.10 0.33 9.17
CA LYS A 208 22.30 0.84 8.53
C LYS A 208 22.59 0.03 7.27
N PRO A 209 22.81 0.68 6.12
CA PRO A 209 23.02 -0.07 4.89
C PRO A 209 24.26 -0.97 4.95
N ARG A 210 24.14 -2.14 4.34
CA ARG A 210 25.25 -3.05 4.14
C ARG A 210 25.80 -2.96 2.72
N ASN A 211 25.40 -1.94 1.97
CA ASN A 211 25.81 -1.78 0.59
C ASN A 211 26.11 -0.30 0.36
N LYS A 212 26.62 0.01 -0.83
CA LYS A 212 27.12 1.34 -1.16
C LYS A 212 26.09 2.20 -1.85
N GLY A 213 24.86 1.75 -1.98
CA GLY A 213 23.81 2.53 -2.60
C GLY A 213 22.83 1.63 -3.32
N LEU A 214 21.75 2.26 -3.78
CA LEU A 214 20.64 1.58 -4.44
C LEU A 214 20.28 2.33 -5.71
N ARG A 215 20.02 1.58 -6.78
CA ARG A 215 19.50 2.15 -8.01
C ARG A 215 18.18 1.45 -8.30
N PHE A 216 17.07 2.19 -8.18
CA PHE A 216 15.75 1.68 -8.54
C PHE A 216 15.56 1.97 -10.03
N GLU A 217 15.53 0.90 -10.82
CA GLU A 217 15.37 1.00 -12.27
C GLU A 217 13.89 0.86 -12.59
N PHE A 218 13.35 1.85 -13.29
CA PHE A 218 11.90 1.92 -13.53
C PHE A 218 11.58 1.21 -14.85
N TYR A 219 11.43 -0.11 -14.76
CA TYR A 219 11.19 -0.92 -15.95
C TYR A 219 9.80 -0.66 -16.53
N ALA A 220 9.75 -0.56 -17.85
CA ALA A 220 8.47 -0.47 -18.54
C ALA A 220 7.83 -1.83 -18.73
N ASN A 221 8.58 -2.91 -18.51
CA ASN A 221 8.15 -4.26 -18.88
C ASN A 221 8.91 -5.24 -18.02
N LEU A 222 8.19 -6.14 -17.34
CA LEU A 222 8.83 -7.09 -16.43
C LEU A 222 9.58 -8.20 -17.16
N ASP A 223 9.25 -8.46 -18.44
CA ASP A 223 10.07 -9.39 -19.20
C ASP A 223 11.47 -8.84 -19.42
N THR A 224 11.57 -7.54 -19.71
CA THR A 224 12.88 -6.91 -19.79
C THR A 224 13.62 -7.05 -18.47
N ALA A 225 12.91 -6.82 -17.36
CA ALA A 225 13.54 -6.94 -16.04
C ALA A 225 14.06 -8.35 -15.81
N TYR A 226 13.27 -9.38 -16.17
CA TYR A 226 13.71 -10.75 -15.98
C TYR A 226 14.93 -11.06 -16.82
N ALA A 227 14.95 -10.59 -18.07
CA ALA A 227 16.12 -10.78 -18.92
C ALA A 227 17.36 -10.14 -18.29
N ASP A 228 17.21 -8.91 -17.78
CA ASP A 228 18.33 -8.25 -17.12
C ASP A 228 18.80 -9.03 -15.90
N LEU A 229 17.85 -9.60 -15.15
CA LEU A 229 18.23 -10.42 -14.01
C LEU A 229 19.08 -11.60 -14.44
N LEU A 230 18.62 -12.33 -15.46
CA LEU A 230 19.37 -13.50 -15.92
C LEU A 230 20.74 -13.13 -16.46
N SER A 231 20.88 -11.95 -17.06
CA SER A 231 22.16 -11.53 -17.59
C SER A 231 23.04 -10.85 -16.55
N GLY A 232 22.53 -10.61 -15.35
CA GLY A 232 23.30 -9.92 -14.33
C GLY A 232 23.31 -8.41 -14.45
N ASN A 233 22.45 -7.83 -15.29
CA ASN A 233 22.31 -6.38 -15.38
C ASN A 233 21.27 -5.84 -14.40
N LEU A 234 20.60 -6.72 -13.68
CA LEU A 234 19.73 -6.35 -12.57
C LEU A 234 20.08 -7.26 -11.41
N ASP A 235 20.13 -6.70 -10.19
CA ASP A 235 20.57 -7.49 -9.05
C ASP A 235 19.43 -8.14 -8.29
N VAL A 236 18.30 -7.44 -8.14
CA VAL A 236 17.15 -8.00 -7.44
C VAL A 236 15.89 -7.65 -8.24
N LEU A 237 15.08 -8.67 -8.50
CA LEU A 237 13.77 -8.49 -9.14
C LEU A 237 12.73 -9.03 -8.18
N ASP A 238 11.89 -8.14 -7.65
CA ASP A 238 10.93 -8.55 -6.64
C ASP A 238 9.64 -9.12 -7.21
N THR A 239 9.49 -9.14 -8.53
CA THR A 239 8.29 -9.69 -9.17
C THR A 239 8.74 -10.45 -10.42
N ILE A 240 8.79 -11.77 -10.32
CA ILE A 240 9.01 -12.61 -11.50
C ILE A 240 7.77 -12.53 -12.38
N PRO A 241 7.90 -12.25 -13.67
CA PRO A 241 6.71 -12.06 -14.52
C PRO A 241 6.01 -13.38 -14.80
N PRO A 242 4.71 -13.34 -15.11
CA PRO A 242 4.00 -14.60 -15.43
C PRO A 242 4.70 -15.48 -16.44
N SER A 243 5.31 -14.89 -17.48
CA SER A 243 5.95 -15.69 -18.53
C SER A 243 7.10 -16.53 -17.99
N ALA A 244 7.60 -16.25 -16.79
CA ALA A 244 8.73 -16.97 -16.24
C ALA A 244 8.37 -17.81 -15.02
N LEU A 245 7.09 -17.89 -14.65
CA LEU A 245 6.76 -18.54 -13.39
C LEU A 245 6.91 -20.06 -13.44
N THR A 246 6.86 -20.68 -14.62
CA THR A 246 7.11 -22.12 -14.73
C THR A 246 8.58 -22.43 -14.96
N VAL A 247 9.45 -21.42 -14.93
CA VAL A 247 10.81 -21.55 -15.43
C VAL A 247 11.82 -20.93 -14.46
N TYR A 248 11.36 -20.05 -13.56
CA TYR A 248 12.29 -19.33 -12.71
C TYR A 248 13.11 -20.28 -11.84
N GLN A 249 12.53 -21.42 -11.46
CA GLN A 249 13.26 -22.35 -10.61
C GLN A 249 14.45 -22.95 -11.36
N ARG A 250 14.24 -23.39 -12.60
CA ARG A 250 15.37 -23.91 -13.37
C ARG A 250 16.36 -22.80 -13.71
N ASP A 251 15.87 -21.59 -13.98
CA ASP A 251 16.75 -20.49 -14.38
C ASP A 251 17.61 -20.00 -13.23
N LEU A 252 17.04 -19.95 -12.02
CA LEU A 252 17.65 -19.26 -10.90
C LEU A 252 18.11 -20.16 -9.76
N GLY A 253 17.53 -21.35 -9.60
CA GLY A 253 17.98 -22.24 -8.54
C GLY A 253 17.78 -21.62 -7.19
N ASP A 254 18.83 -21.67 -6.38
CA ASP A 254 18.81 -21.13 -5.03
C ASP A 254 18.93 -19.61 -4.98
N HIS A 255 18.91 -18.93 -6.13
CA HIS A 255 18.85 -17.48 -6.20
C HIS A 255 17.44 -16.98 -6.46
N ALA A 256 16.42 -17.74 -6.06
CA ALA A 256 15.05 -17.29 -6.06
C ALA A 256 14.35 -17.91 -4.86
N THR A 257 13.54 -17.10 -4.18
CA THR A 257 12.81 -17.54 -2.99
C THR A 257 11.35 -17.15 -3.14
N SER A 258 10.47 -18.01 -2.61
CA SER A 258 9.05 -17.79 -2.70
C SER A 258 8.44 -17.88 -1.31
N GLY A 259 7.33 -17.19 -1.11
CA GLY A 259 6.63 -17.30 0.14
C GLY A 259 5.43 -16.36 0.20
N PRO A 260 4.45 -16.72 1.03
CA PRO A 260 3.32 -15.80 1.23
C PRO A 260 3.79 -14.41 1.63
N ALA A 261 3.13 -13.42 1.08
CA ALA A 261 3.38 -12.03 1.39
C ALA A 261 2.03 -11.36 1.60
N ALA A 262 2.01 -10.37 2.50
CA ALA A 262 0.78 -9.64 2.83
C ALA A 262 0.52 -8.61 1.75
N ILE A 263 0.07 -9.12 0.60
CA ILE A 263 -0.31 -8.31 -0.56
C ILE A 263 -1.56 -8.98 -1.14
N ASN A 264 -2.53 -8.17 -1.53
CA ASN A 264 -3.72 -8.72 -2.18
C ASN A 264 -3.95 -8.02 -3.51
N GLN A 265 -4.99 -8.48 -4.21
CA GLN A 265 -5.38 -7.96 -5.51
C GLN A 265 -6.90 -7.93 -5.56
N THR A 266 -7.44 -6.86 -6.13
CA THR A 266 -8.88 -6.68 -6.21
C THR A 266 -9.28 -6.18 -7.60
N LEU A 267 -10.55 -6.38 -7.91
CA LEU A 267 -11.19 -5.80 -9.09
C LEU A 267 -12.10 -4.69 -8.58
N ASP A 268 -11.78 -3.45 -8.92
CA ASP A 268 -12.47 -2.27 -8.41
C ASP A 268 -13.38 -1.72 -9.49
N THR A 269 -14.65 -1.54 -9.15
CA THR A 269 -15.61 -0.95 -10.08
C THR A 269 -16.22 0.25 -9.37
N PRO A 270 -15.83 1.48 -9.72
CA PRO A 270 -16.37 2.65 -9.02
C PRO A 270 -17.90 2.67 -9.03
N LEU A 271 -18.48 3.02 -7.87
CA LEU A 271 -19.92 3.11 -7.73
C LEU A 271 -20.53 4.22 -8.58
N ARG A 272 -19.71 5.11 -9.13
CA ARG A 272 -20.14 6.19 -10.01
C ARG A 272 -20.30 5.76 -11.47
N LEU A 273 -19.97 4.52 -11.81
CA LEU A 273 -20.07 4.11 -13.20
C LEU A 273 -21.49 3.71 -13.54
N PRO A 274 -21.85 3.78 -14.82
CA PRO A 274 -23.19 3.31 -15.23
C PRO A 274 -23.43 1.90 -14.73
N HIS A 275 -24.62 1.71 -14.15
CA HIS A 275 -25.15 0.42 -13.71
C HIS A 275 -24.45 -0.15 -12.49
N PHE A 276 -23.57 0.61 -11.84
CA PHE A 276 -22.75 0.06 -10.76
C PHE A 276 -22.90 0.81 -9.44
N GLY A 277 -23.97 1.58 -9.26
CA GLY A 277 -24.27 2.20 -8.00
C GLY A 277 -25.57 1.69 -7.39
N GLY A 278 -25.78 2.04 -6.12
CA GLY A 278 -26.95 1.63 -5.39
C GLY A 278 -27.02 0.11 -5.23
N GLU A 279 -28.25 -0.35 -4.96
CA GLU A 279 -28.49 -1.78 -4.81
C GLU A 279 -28.15 -2.51 -6.11
N GLU A 280 -28.45 -1.89 -7.25
CA GLU A 280 -28.09 -2.47 -8.55
C GLU A 280 -26.60 -2.78 -8.58
N GLY A 281 -25.78 -1.81 -8.21
CA GLY A 281 -24.35 -2.01 -8.23
C GLY A 281 -23.89 -3.08 -7.26
N ARG A 282 -24.49 -3.13 -6.07
CA ARG A 282 -24.13 -4.18 -5.11
C ARG A 282 -24.38 -5.57 -5.71
N LEU A 283 -25.56 -5.76 -6.30
CA LEU A 283 -25.87 -7.03 -6.92
C LEU A 283 -24.88 -7.36 -8.03
N ARG A 284 -24.50 -6.36 -8.83
CA ARG A 284 -23.57 -6.61 -9.93
C ARG A 284 -22.18 -6.96 -9.41
N ARG A 285 -21.74 -6.32 -8.33
CA ARG A 285 -20.42 -6.65 -7.78
C ARG A 285 -20.42 -8.07 -7.22
N LEU A 286 -21.50 -8.46 -6.56
CA LEU A 286 -21.61 -9.85 -6.10
C LEU A 286 -21.59 -10.81 -7.29
N ALA A 287 -22.26 -10.43 -8.38
CA ALA A 287 -22.25 -11.27 -9.58
C ALA A 287 -20.86 -11.41 -10.16
N LEU A 288 -20.12 -10.31 -10.26
CA LEU A 288 -18.75 -10.35 -10.75
C LEU A 288 -17.93 -11.30 -9.90
N SER A 289 -18.09 -11.24 -8.58
CA SER A 289 -17.31 -12.09 -7.70
C SER A 289 -17.60 -13.55 -7.96
N ALA A 290 -18.88 -13.90 -8.14
CA ALA A 290 -19.29 -15.27 -8.45
C ALA A 290 -18.90 -15.70 -9.86
N ALA A 291 -18.55 -14.76 -10.74
CA ALA A 291 -18.21 -15.08 -12.12
C ALA A 291 -16.72 -15.25 -12.36
N ILE A 292 -15.91 -15.25 -11.29
CA ILE A 292 -14.45 -15.35 -11.39
C ILE A 292 -14.02 -16.62 -10.67
N ASN A 293 -13.20 -17.42 -11.32
CA ASN A 293 -12.73 -18.69 -10.77
C ASN A 293 -11.32 -18.48 -10.23
N ARG A 294 -11.25 -18.10 -8.95
CA ARG A 294 -9.96 -17.78 -8.35
C ARG A 294 -9.02 -18.98 -8.29
N PRO A 295 -9.44 -20.16 -7.81
CA PRO A 295 -8.50 -21.30 -7.82
C PRO A 295 -7.93 -21.59 -9.21
N GLN A 296 -8.76 -21.53 -10.25
CA GLN A 296 -8.30 -21.86 -11.59
C GLN A 296 -7.30 -20.84 -12.10
N ILE A 297 -7.57 -19.54 -11.90
CA ILE A 297 -6.63 -18.52 -12.34
C ILE A 297 -5.33 -18.63 -11.55
N CYS A 298 -5.43 -18.83 -10.24
CA CYS A 298 -4.25 -18.98 -9.41
C CYS A 298 -3.39 -20.16 -9.87
N GLN A 299 -4.02 -21.26 -10.28
CA GLN A 299 -3.28 -22.45 -10.70
C GLN A 299 -2.64 -22.26 -12.06
N GLN A 300 -3.41 -21.74 -13.02
CA GLN A 300 -2.98 -21.74 -14.41
C GLN A 300 -2.25 -20.46 -14.82
N ILE A 301 -2.81 -19.30 -14.48
CA ILE A 301 -2.19 -18.04 -14.85
C ILE A 301 -0.95 -17.78 -14.01
N PHE A 302 -1.04 -18.04 -12.71
CA PHE A 302 0.01 -17.68 -11.77
C PHE A 302 0.87 -18.86 -11.36
N ALA A 303 0.62 -20.05 -11.90
CA ALA A 303 1.42 -21.22 -11.57
C ALA A 303 1.51 -21.42 -10.05
N GLY A 304 0.40 -21.18 -9.37
CA GLY A 304 0.32 -21.40 -7.94
C GLY A 304 0.90 -20.32 -7.07
N THR A 305 1.27 -19.16 -7.63
CA THR A 305 1.91 -18.10 -6.85
C THR A 305 0.92 -17.02 -6.41
N ARG A 306 -0.38 -17.30 -6.48
CA ARG A 306 -1.40 -16.52 -5.81
C ARG A 306 -2.34 -17.50 -5.14
N SER A 307 -2.97 -17.05 -4.07
CA SER A 307 -3.88 -17.86 -3.30
C SER A 307 -5.28 -17.23 -3.31
N PRO A 308 -6.32 -17.97 -3.66
CA PRO A 308 -7.66 -17.36 -3.78
C PRO A 308 -8.07 -16.61 -2.51
N ALA A 309 -8.65 -15.43 -2.70
CA ALA A 309 -9.08 -14.63 -1.56
C ALA A 309 -10.19 -15.33 -0.80
N ARG A 310 -10.13 -15.25 0.52
CA ARG A 310 -11.20 -15.72 1.40
C ARG A 310 -11.77 -14.60 2.26
N ASP A 311 -11.20 -13.41 2.19
CA ASP A 311 -11.68 -12.23 2.89
C ASP A 311 -11.12 -11.02 2.15
N PHE A 312 -11.16 -9.87 2.80
CA PHE A 312 -10.71 -8.62 2.19
C PHE A 312 -9.33 -8.22 2.66
N THR A 313 -8.58 -9.11 3.31
CA THR A 313 -7.26 -8.79 3.82
C THR A 313 -6.24 -9.70 3.14
N ALA A 314 -5.50 -10.51 3.89
CA ALA A 314 -4.49 -11.39 3.30
C ALA A 314 -4.22 -12.54 4.26
N ARG A 315 -3.98 -13.72 3.67
CA ARG A 315 -3.85 -14.96 4.43
C ARG A 315 -2.80 -14.89 5.54
N SER A 316 -1.74 -14.13 5.34
CA SER A 316 -0.60 -14.19 6.24
C SER A 316 -0.72 -13.24 7.44
N LEU A 317 -1.83 -12.54 7.58
CA LEU A 317 -1.95 -11.55 8.62
C LEU A 317 -2.43 -12.16 9.93
N PRO A 318 -2.05 -11.58 11.06
CA PRO A 318 -2.56 -12.07 12.34
C PRO A 318 -4.09 -12.03 12.40
N GLY A 319 -4.68 -13.14 12.86
CA GLY A 319 -6.11 -13.22 13.03
C GLY A 319 -6.89 -13.59 11.79
N PHE A 320 -6.23 -13.73 10.64
CA PHE A 320 -6.91 -14.08 9.42
C PHE A 320 -7.66 -15.40 9.58
N ASP A 321 -8.87 -15.46 9.04
CA ASP A 321 -9.68 -16.67 9.10
C ASP A 321 -10.20 -16.97 7.70
N PRO A 322 -9.82 -18.09 7.07
CA PRO A 322 -10.30 -18.38 5.72
C PRO A 322 -11.66 -19.05 5.68
N ASN A 323 -12.33 -19.22 6.83
CA ASN A 323 -13.61 -19.90 6.89
C ASN A 323 -14.67 -19.02 7.54
N LEU A 324 -14.68 -17.73 7.21
CA LEU A 324 -15.65 -16.83 7.78
C LEU A 324 -17.04 -17.12 7.20
N PRO A 325 -18.08 -17.12 8.01
CA PRO A 325 -19.43 -17.30 7.46
C PRO A 325 -19.77 -16.17 6.50
N GLY A 326 -20.37 -16.52 5.38
CA GLY A 326 -20.67 -15.57 4.34
C GLY A 326 -19.57 -15.37 3.32
N ASN A 327 -18.41 -16.02 3.49
CA ASN A 327 -17.35 -15.88 2.50
C ASN A 327 -17.66 -16.63 1.22
N GLU A 328 -18.79 -17.33 1.14
CA GLU A 328 -19.16 -18.03 -0.08
C GLU A 328 -19.39 -17.07 -1.24
N VAL A 329 -19.53 -15.78 -0.97
CA VAL A 329 -19.61 -14.79 -2.04
C VAL A 329 -18.33 -14.78 -2.87
N LEU A 330 -17.25 -15.34 -2.33
CA LEU A 330 -15.97 -15.42 -3.02
C LEU A 330 -15.75 -16.77 -3.69
N ASP A 331 -16.79 -17.57 -3.85
CA ASP A 331 -16.70 -18.84 -4.56
C ASP A 331 -17.25 -18.69 -5.98
N TYR A 332 -16.62 -19.37 -6.92
CA TYR A 332 -17.10 -19.38 -8.30
C TYR A 332 -18.45 -20.09 -8.38
N ASP A 333 -19.42 -19.43 -8.99
CA ASP A 333 -20.77 -20.01 -9.08
C ASP A 333 -21.49 -19.33 -10.24
N PRO A 334 -21.30 -19.82 -11.47
CA PRO A 334 -21.90 -19.14 -12.63
C PRO A 334 -23.40 -18.97 -12.55
N GLN A 335 -24.14 -19.97 -12.08
CA GLN A 335 -25.60 -19.83 -12.00
C GLN A 335 -25.98 -18.71 -11.04
N ARG A 336 -25.31 -18.64 -9.88
CA ARG A 336 -25.54 -17.54 -8.96
C ARG A 336 -25.17 -16.20 -9.57
N ALA A 337 -24.04 -16.15 -10.28
CA ALA A 337 -23.62 -14.90 -10.90
C ALA A 337 -24.68 -14.40 -11.86
N ARG A 338 -25.23 -15.28 -12.69
CA ARG A 338 -26.27 -14.89 -13.63
C ARG A 338 -27.54 -14.47 -12.90
N ARG A 339 -27.90 -15.17 -11.82
CA ARG A 339 -29.08 -14.77 -11.06
C ARG A 339 -28.92 -13.35 -10.51
N LEU A 340 -27.75 -13.06 -9.93
CA LEU A 340 -27.51 -11.75 -9.34
C LEU A 340 -27.49 -10.66 -10.41
N TRP A 341 -26.84 -10.92 -11.55
CA TRP A 341 -26.81 -9.95 -12.62
C TRP A 341 -28.22 -9.67 -13.13
N ALA A 342 -29.04 -10.71 -13.25
CA ALA A 342 -30.42 -10.51 -13.66
C ALA A 342 -31.20 -9.70 -12.63
N GLN A 343 -30.98 -9.96 -11.34
CA GLN A 343 -31.65 -9.19 -10.31
C GLN A 343 -31.28 -7.72 -10.38
N ALA A 344 -30.01 -7.43 -10.72
CA ALA A 344 -29.62 -6.06 -10.98
C ALA A 344 -30.34 -5.51 -12.21
N ASP A 345 -30.49 -6.33 -13.25
CA ASP A 345 -31.19 -5.90 -14.47
C ASP A 345 -32.66 -5.59 -14.18
N ALA A 346 -33.24 -6.22 -13.17
CA ALA A 346 -34.60 -5.86 -12.77
C ALA A 346 -34.70 -4.40 -12.35
N ILE A 347 -33.63 -3.87 -11.75
CA ILE A 347 -33.60 -2.45 -11.40
C ILE A 347 -33.37 -1.60 -12.64
N SER A 348 -32.35 -1.94 -13.42
CA SER A 348 -32.02 -1.22 -14.65
C SER A 348 -31.25 -2.15 -15.58
N PRO A 349 -31.78 -2.47 -16.76
CA PRO A 349 -31.10 -3.44 -17.62
C PRO A 349 -29.71 -2.97 -18.02
N TRP A 350 -28.74 -3.88 -17.88
CA TRP A 350 -27.36 -3.57 -18.25
C TRP A 350 -27.26 -3.20 -19.72
N SER A 351 -26.32 -2.30 -20.02
CA SER A 351 -25.95 -1.95 -21.38
C SER A 351 -24.50 -1.49 -21.38
N GLY A 352 -23.85 -1.64 -22.52
CA GLY A 352 -22.52 -1.12 -22.70
C GLY A 352 -21.44 -2.15 -22.48
N ARG A 353 -20.25 -1.64 -22.14
CA ARG A 353 -19.04 -2.44 -22.06
C ARG A 353 -18.50 -2.41 -20.64
N TYR A 354 -17.95 -3.53 -20.20
CA TYR A 354 -17.27 -3.62 -18.91
C TYR A 354 -15.77 -3.77 -19.21
N ALA A 355 -15.00 -2.75 -18.87
CA ALA A 355 -13.58 -2.73 -19.19
C ALA A 355 -12.79 -2.74 -17.90
N ILE A 356 -11.74 -3.55 -17.86
CA ILE A 356 -10.86 -3.66 -16.69
C ILE A 356 -9.55 -3.00 -17.04
N ALA A 357 -9.32 -1.80 -16.54
CA ALA A 357 -8.07 -1.10 -16.78
C ALA A 357 -6.97 -1.63 -15.88
N TYR A 358 -5.74 -1.60 -16.40
CA TYR A 358 -4.61 -2.05 -15.58
C TYR A 358 -3.32 -1.42 -16.10
N ASN A 359 -2.31 -1.41 -15.24
CA ASN A 359 -0.96 -0.89 -15.56
C ASN A 359 -0.19 -2.06 -16.15
N ALA A 360 0.24 -1.96 -17.41
CA ALA A 360 0.89 -3.08 -18.10
C ALA A 360 2.33 -3.29 -17.67
N ASP A 361 2.91 -2.39 -16.88
CA ASP A 361 4.30 -2.48 -16.49
C ASP A 361 4.56 -3.45 -15.34
N ALA A 362 3.54 -4.21 -14.90
CA ALA A 362 3.73 -5.09 -13.75
C ALA A 362 3.10 -6.46 -13.95
N GLY A 363 3.01 -6.93 -15.18
CA GLY A 363 2.67 -8.31 -15.44
C GLY A 363 1.24 -8.73 -15.18
N HIS A 364 0.29 -7.80 -15.27
CA HIS A 364 -1.10 -8.10 -14.99
C HIS A 364 -1.88 -8.57 -16.22
N ARG A 365 -1.28 -8.51 -17.41
CA ARG A 365 -2.02 -8.76 -18.64
C ARG A 365 -2.74 -10.11 -18.61
N ASP A 366 -2.01 -11.18 -18.26
CA ASP A 366 -2.59 -12.51 -18.37
C ASP A 366 -3.82 -12.66 -17.48
N TRP A 367 -3.73 -12.22 -16.22
CA TRP A 367 -4.86 -12.42 -15.33
C TRP A 367 -6.03 -11.51 -15.68
N VAL A 368 -5.76 -10.27 -16.09
CA VAL A 368 -6.87 -9.39 -16.46
C VAL A 368 -7.59 -9.93 -17.69
N ASP A 369 -6.84 -10.39 -18.69
CA ASP A 369 -7.48 -11.03 -19.83
C ASP A 369 -8.35 -12.20 -19.38
N ALA A 370 -7.85 -13.02 -18.47
CA ALA A 370 -8.60 -14.19 -18.01
C ALA A 370 -9.86 -13.79 -17.26
N VAL A 371 -9.78 -12.78 -16.40
CA VAL A 371 -10.94 -12.34 -15.64
C VAL A 371 -11.98 -11.73 -16.55
N ALA A 372 -11.55 -10.87 -17.49
CA ALA A 372 -12.49 -10.28 -18.42
C ALA A 372 -13.19 -11.36 -19.23
N ASN A 373 -12.44 -12.38 -19.66
CA ASN A 373 -13.05 -13.44 -20.45
C ASN A 373 -14.00 -14.29 -19.63
N SER A 374 -13.68 -14.51 -18.36
CA SER A 374 -14.57 -15.24 -17.48
C SER A 374 -15.89 -14.49 -17.30
N ILE A 375 -15.80 -13.18 -17.08
CA ILE A 375 -17.01 -12.37 -16.95
C ILE A 375 -17.82 -12.42 -18.24
N LYS A 376 -17.15 -12.24 -19.37
CA LYS A 376 -17.81 -12.30 -20.67
C LYS A 376 -18.55 -13.62 -20.86
N ASN A 377 -17.90 -14.73 -20.52
CA ASN A 377 -18.50 -16.03 -20.80
C ASN A 377 -19.60 -16.39 -19.81
N VAL A 378 -19.43 -16.05 -18.53
CA VAL A 378 -20.43 -16.37 -17.53
C VAL A 378 -21.66 -15.49 -17.71
N LEU A 379 -21.47 -14.20 -17.90
CA LEU A 379 -22.57 -13.24 -17.83
C LEU A 379 -23.07 -12.82 -19.21
N GLY A 380 -22.35 -13.12 -20.28
CA GLY A 380 -22.80 -12.78 -21.61
C GLY A 380 -22.75 -11.29 -21.90
N ILE A 381 -21.77 -10.59 -21.34
CA ILE A 381 -21.60 -9.16 -21.55
C ILE A 381 -20.28 -8.90 -22.26
N ASP A 382 -20.16 -7.69 -22.81
CA ASP A 382 -18.96 -7.23 -23.48
C ASP A 382 -17.94 -6.81 -22.43
N ALA A 383 -17.12 -7.76 -21.97
CA ALA A 383 -16.08 -7.52 -20.98
C ALA A 383 -14.72 -7.63 -21.64
N VAL A 384 -13.87 -6.63 -21.40
CA VAL A 384 -12.58 -6.51 -22.08
C VAL A 384 -11.55 -5.96 -21.12
N ALA A 385 -10.27 -6.17 -21.47
CA ALA A 385 -9.16 -5.56 -20.76
C ALA A 385 -8.82 -4.21 -21.40
N ALA A 386 -8.26 -3.31 -20.60
CA ALA A 386 -7.92 -1.96 -21.06
C ALA A 386 -6.57 -1.57 -20.47
N PRO A 387 -5.48 -1.97 -21.11
CA PRO A 387 -4.15 -1.69 -20.56
C PRO A 387 -3.74 -0.24 -20.73
N GLN A 388 -3.05 0.28 -19.73
CA GLN A 388 -2.34 1.54 -19.73
C GLN A 388 -0.87 1.29 -19.47
N PRO A 389 0.04 2.10 -20.02
CA PRO A 389 1.46 1.72 -19.96
C PRO A 389 2.09 1.74 -18.58
N THR A 390 1.76 2.70 -17.71
CA THR A 390 2.52 2.88 -16.48
C THR A 390 1.63 2.93 -15.25
N PHE A 391 2.17 2.43 -14.15
CA PHE A 391 1.48 2.53 -12.86
C PHE A 391 1.24 3.98 -12.49
N ALA A 392 2.21 4.87 -12.73
CA ALA A 392 2.06 6.26 -12.34
C ALA A 392 0.84 6.91 -13.01
N GLY A 393 0.72 6.75 -14.32
CA GLY A 393 -0.40 7.37 -15.03
C GLY A 393 -1.73 6.74 -14.66
N PHE A 394 -1.74 5.42 -14.50
CA PHE A 394 -2.91 4.67 -14.08
C PHE A 394 -3.42 5.16 -12.73
N ARG A 395 -2.52 5.22 -11.73
CA ARG A 395 -2.94 5.70 -10.41
C ARG A 395 -3.39 7.14 -10.48
N THR A 396 -2.75 7.97 -11.30
CA THR A 396 -3.19 9.35 -11.40
C THR A 396 -4.63 9.42 -11.88
N GLN A 397 -4.98 8.62 -12.90
CA GLN A 397 -6.36 8.60 -13.38
C GLN A 397 -7.34 8.06 -12.35
N ILE A 398 -6.91 7.10 -11.52
CA ILE A 398 -7.78 6.62 -10.46
C ILE A 398 -8.00 7.70 -9.41
N THR A 399 -6.93 8.42 -9.04
CA THR A 399 -6.98 9.37 -7.95
C THR A 399 -7.79 10.60 -8.33
N ASN A 400 -7.63 11.10 -9.55
CA ASN A 400 -8.38 12.26 -10.00
C ASN A 400 -9.74 11.91 -10.56
N ARG A 401 -10.08 10.62 -10.59
CA ARG A 401 -11.38 10.09 -11.01
C ARG A 401 -11.61 10.17 -12.52
N ALA A 402 -10.57 10.50 -13.29
CA ALA A 402 -10.70 10.48 -14.74
C ALA A 402 -11.01 9.08 -15.27
N ILE A 403 -10.49 8.04 -14.61
CA ILE A 403 -10.68 6.69 -15.13
C ILE A 403 -12.16 6.38 -15.27
N ASP A 404 -12.53 5.79 -16.40
CA ASP A 404 -13.94 5.64 -16.77
C ASP A 404 -14.31 4.18 -16.97
N SER A 405 -13.71 3.30 -16.19
CA SER A 405 -13.97 1.87 -16.26
C SER A 405 -13.62 1.26 -14.92
N ALA A 406 -13.83 -0.05 -14.81
CA ALA A 406 -13.26 -0.80 -13.70
C ALA A 406 -11.74 -0.82 -13.85
N PHE A 407 -11.08 -1.26 -12.78
CA PHE A 407 -9.61 -1.30 -12.79
C PHE A 407 -9.12 -2.23 -11.70
N ARG A 408 -7.91 -2.73 -11.89
CA ARG A 408 -7.27 -3.54 -10.86
C ARG A 408 -6.76 -2.65 -9.74
N ALA A 409 -6.75 -3.20 -8.52
CA ALA A 409 -6.08 -2.56 -7.41
C ALA A 409 -5.57 -3.66 -6.49
N GLY A 410 -5.10 -3.26 -5.33
CA GLY A 410 -4.53 -4.23 -4.42
C GLY A 410 -3.67 -3.51 -3.41
N TRP A 411 -3.52 -4.12 -2.25
CA TRP A 411 -2.86 -3.49 -1.12
C TRP A 411 -1.66 -4.32 -0.71
N ARG A 412 -0.51 -3.65 -0.59
CA ARG A 412 0.66 -4.22 0.06
C ARG A 412 0.67 -3.66 1.48
N GLY A 413 0.72 -4.56 2.46
CA GLY A 413 0.59 -4.12 3.84
C GLY A 413 1.68 -3.14 4.24
N ASP A 414 1.31 -2.16 5.06
CA ASP A 414 2.28 -1.24 5.65
C ASP A 414 2.76 -1.72 7.01
N TYR A 415 1.89 -2.38 7.77
CA TYR A 415 2.27 -3.10 8.98
C TYR A 415 1.29 -4.25 9.14
N PRO A 416 1.67 -5.30 9.85
CA PRO A 416 0.83 -6.53 9.78
C PRO A 416 -0.41 -6.47 10.66
N SER A 417 -1.45 -5.88 10.10
CA SER A 417 -2.73 -5.74 10.79
C SER A 417 -3.85 -5.79 9.76
N MET A 418 -4.84 -6.65 9.99
CA MET A 418 -6.01 -6.69 9.13
C MET A 418 -6.68 -5.33 9.05
N ILE A 419 -6.75 -4.61 10.17
CA ILE A 419 -7.37 -3.30 10.17
C ILE A 419 -6.73 -2.41 9.11
N GLU A 420 -5.40 -2.48 8.99
CA GLU A 420 -4.64 -1.65 8.06
C GLU A 420 -4.93 -2.00 6.61
N PHE A 421 -5.50 -3.18 6.37
CA PHE A 421 -5.93 -3.58 5.03
C PHE A 421 -7.35 -3.13 4.72
N LEU A 422 -8.07 -2.61 5.71
CA LEU A 422 -9.47 -2.25 5.54
C LEU A 422 -9.70 -0.76 5.71
N ALA A 423 -9.14 -0.16 6.75
CA ALA A 423 -9.39 1.27 7.00
C ALA A 423 -8.97 2.15 5.83
N PRO A 424 -7.83 1.93 5.16
CA PRO A 424 -7.43 2.85 4.09
C PRO A 424 -8.24 2.70 2.82
N LEU A 425 -8.96 1.60 2.67
CA LEU A 425 -9.61 1.26 1.42
C LEU A 425 -11.13 1.41 1.46
N PHE A 426 -11.75 1.24 2.62
CA PHE A 426 -13.18 1.08 2.68
C PHE A 426 -13.89 2.00 3.66
N THR A 427 -13.15 2.80 4.44
CA THR A 427 -13.83 3.80 5.25
C THR A 427 -14.16 5.03 4.39
N ALA A 428 -15.15 5.79 4.84
CA ALA A 428 -15.82 6.74 3.96
C ALA A 428 -14.86 7.78 3.40
N GLY A 429 -13.97 8.31 4.23
CA GLY A 429 -13.12 9.41 3.84
C GLY A 429 -11.71 9.04 3.43
N ALA A 430 -11.37 7.75 3.36
CA ALA A 430 -9.99 7.35 3.17
C ALA A 430 -9.49 7.69 1.78
N GLY A 431 -8.24 8.14 1.70
CA GLY A 431 -7.64 8.56 0.45
C GLY A 431 -7.42 7.44 -0.55
N SER A 432 -7.38 6.19 -0.08
CA SER A 432 -7.21 5.05 -0.96
C SER A 432 -8.52 4.31 -1.20
N ASN A 433 -9.65 4.95 -0.91
CA ASN A 433 -10.97 4.42 -1.25
C ASN A 433 -11.23 4.87 -2.69
N ASP A 434 -10.85 4.01 -3.64
CA ASP A 434 -10.82 4.35 -5.06
C ASP A 434 -12.19 4.28 -5.70
N VAL A 435 -13.16 3.63 -5.05
CA VAL A 435 -14.44 3.32 -5.69
C VAL A 435 -15.60 4.14 -5.15
N GLY A 436 -15.40 4.95 -4.11
CA GLY A 436 -16.51 5.68 -3.53
C GLY A 436 -17.44 4.85 -2.68
N TYR A 437 -16.92 3.82 -2.01
CA TYR A 437 -17.74 3.04 -1.12
C TYR A 437 -17.93 3.78 0.19
N ILE A 438 -19.16 3.84 0.66
CA ILE A 438 -19.49 4.47 1.94
C ILE A 438 -20.56 3.62 2.62
N ASN A 439 -20.24 3.15 3.81
CA ASN A 439 -21.23 2.46 4.65
C ASN A 439 -20.89 2.82 6.09
N PRO A 440 -21.59 3.79 6.69
CA PRO A 440 -21.28 4.17 8.08
C PRO A 440 -21.33 3.00 9.05
N GLU A 441 -22.14 1.98 8.76
CA GLU A 441 -22.19 0.80 9.62
C GLU A 441 -20.87 0.05 9.58
N PHE A 442 -20.24 -0.07 8.41
CA PHE A 442 -18.93 -0.70 8.36
C PHE A 442 -17.90 0.12 9.13
N ASP A 443 -17.88 1.44 8.90
CA ASP A 443 -16.90 2.27 9.59
C ASP A 443 -17.07 2.12 11.10
N ALA A 444 -18.31 2.03 11.57
CA ALA A 444 -18.56 1.85 13.00
C ALA A 444 -18.04 0.51 13.49
N ALA A 445 -18.29 -0.57 12.73
CA ALA A 445 -17.81 -1.88 13.15
C ALA A 445 -16.28 -1.91 13.19
N LEU A 446 -15.63 -1.28 12.21
CA LEU A 446 -14.18 -1.25 12.23
C LEU A 446 -13.65 -0.43 13.40
N ALA A 447 -14.31 0.69 13.72
CA ALA A 447 -13.92 1.47 14.89
C ALA A 447 -14.06 0.64 16.17
N ALA A 448 -15.10 -0.17 16.26
CA ALA A 448 -15.24 -1.07 17.41
C ALA A 448 -14.06 -2.04 17.48
N ALA A 449 -13.62 -2.56 16.34
CA ALA A 449 -12.45 -3.44 16.35
C ALA A 449 -11.21 -2.70 16.83
N GLU A 450 -11.02 -1.47 16.37
CA GLU A 450 -9.86 -0.68 16.79
C GLU A 450 -9.87 -0.42 18.29
N ALA A 451 -11.05 -0.36 18.91
CA ALA A 451 -11.17 -0.03 20.32
C ALA A 451 -11.02 -1.23 21.23
N ALA A 452 -10.85 -2.44 20.69
CA ALA A 452 -10.76 -3.62 21.54
C ALA A 452 -9.46 -3.58 22.34
N PRO A 453 -9.49 -4.08 23.58
CA PRO A 453 -8.28 -4.00 24.43
C PRO A 453 -7.24 -5.07 24.14
N THR A 454 -7.61 -6.16 23.46
CA THR A 454 -6.69 -7.24 23.15
C THR A 454 -6.71 -7.51 21.65
N LEU A 455 -5.59 -8.04 21.15
CA LEU A 455 -5.51 -8.40 19.75
C LEU A 455 -6.53 -9.48 19.38
N THR A 456 -6.80 -10.41 20.29
CA THR A 456 -7.74 -11.49 20.00
C THR A 456 -9.15 -10.95 19.76
N GLU A 457 -9.68 -10.23 20.75
CA GLU A 457 -10.99 -9.63 20.59
C GLU A 457 -11.02 -8.72 19.37
N SER A 458 -9.94 -7.99 19.13
CA SER A 458 -9.89 -7.10 17.97
C SER A 458 -10.04 -7.88 16.68
N HIS A 459 -9.32 -9.00 16.54
CA HIS A 459 -9.43 -9.81 15.34
C HIS A 459 -10.85 -10.31 15.14
N GLU A 460 -11.46 -10.79 16.23
CA GLU A 460 -12.85 -11.24 16.13
C GLU A 460 -13.76 -10.12 15.62
N LEU A 461 -13.56 -8.91 16.13
CA LEU A 461 -14.40 -7.78 15.70
C LEU A 461 -14.09 -7.38 14.26
N VAL A 462 -12.84 -7.51 13.83
CA VAL A 462 -12.51 -7.22 12.44
C VAL A 462 -13.29 -8.15 11.52
N ASN A 463 -13.29 -9.44 11.84
CA ASN A 463 -13.97 -10.39 10.96
C ASN A 463 -15.49 -10.20 10.99
N ASP A 464 -16.03 -9.88 12.18
CA ASP A 464 -17.42 -9.45 12.24
C ASP A 464 -17.68 -8.32 11.27
N ALA A 465 -16.79 -7.31 11.27
CA ALA A 465 -16.94 -6.18 10.36
C ALA A 465 -16.90 -6.62 8.91
N GLN A 466 -16.07 -7.62 8.60
CA GLN A 466 -15.96 -8.07 7.22
C GLN A 466 -17.25 -8.73 6.72
N ARG A 467 -18.11 -9.19 7.63
CA ARG A 467 -19.44 -9.65 7.16
C ARG A 467 -20.17 -8.57 6.35
N ILE A 468 -20.03 -7.30 6.77
CA ILE A 468 -20.63 -6.21 6.01
C ILE A 468 -20.02 -6.11 4.62
N LEU A 469 -18.71 -6.32 4.53
CA LEU A 469 -18.03 -6.26 3.23
C LEU A 469 -18.46 -7.41 2.33
N PHE A 470 -18.68 -8.60 2.91
CA PHE A 470 -19.23 -9.70 2.12
C PHE A 470 -20.59 -9.33 1.54
N HIS A 471 -21.39 -8.59 2.31
CA HIS A 471 -22.70 -8.17 1.80
C HIS A 471 -22.59 -7.10 0.73
N ASP A 472 -21.73 -6.10 0.94
CA ASP A 472 -21.65 -4.95 0.04
C ASP A 472 -20.70 -5.16 -1.12
N MET A 473 -19.76 -6.09 -1.01
CA MET A 473 -18.74 -6.35 -2.02
C MET A 473 -18.17 -5.02 -2.57
N PRO A 474 -17.60 -4.18 -1.69
CA PRO A 474 -17.20 -2.84 -2.16
C PRO A 474 -16.22 -2.88 -3.32
N VAL A 475 -15.31 -3.85 -3.29
CA VAL A 475 -14.49 -4.26 -4.42
C VAL A 475 -14.55 -5.77 -4.40
N VAL A 476 -14.04 -6.40 -5.45
CA VAL A 476 -14.06 -7.86 -5.56
C VAL A 476 -12.67 -8.37 -5.17
N PRO A 477 -12.52 -9.03 -4.02
CA PRO A 477 -11.20 -9.59 -3.65
C PRO A 477 -10.89 -10.79 -4.52
N LEU A 478 -9.68 -10.82 -5.07
CA LEU A 478 -9.27 -11.85 -6.01
C LEU A 478 -8.36 -12.89 -5.36
N TRP A 479 -7.20 -12.46 -4.86
CA TRP A 479 -6.21 -13.39 -4.32
C TRP A 479 -5.17 -12.59 -3.54
N ASP A 480 -4.43 -13.31 -2.71
CA ASP A 480 -3.25 -12.75 -2.07
C ASP A 480 -2.01 -13.44 -2.62
N TYR A 481 -0.84 -12.91 -2.22
CA TYR A 481 0.39 -13.17 -2.97
C TYR A 481 1.26 -14.26 -2.36
N ILE A 482 1.83 -15.06 -3.24
CA ILE A 482 3.04 -15.81 -2.95
C ILE A 482 4.14 -15.08 -3.71
N SER A 483 4.87 -14.21 -3.02
CA SER A 483 5.93 -13.45 -3.65
C SER A 483 7.03 -14.40 -4.13
N VAL A 484 7.57 -14.11 -5.31
CA VAL A 484 8.74 -14.80 -5.83
C VAL A 484 9.76 -13.74 -6.23
N VAL A 485 10.94 -13.79 -5.62
CA VAL A 485 11.97 -12.78 -5.76
C VAL A 485 13.23 -13.48 -6.22
N GLY A 486 13.89 -12.93 -7.24
CA GLY A 486 15.15 -13.47 -7.71
C GLY A 486 16.28 -12.46 -7.60
N TRP A 487 17.51 -12.95 -7.52
CA TRP A 487 18.65 -12.05 -7.44
C TRP A 487 19.83 -12.62 -8.20
N SER A 488 20.75 -11.73 -8.55
CA SER A 488 21.90 -12.06 -9.38
C SER A 488 22.99 -12.74 -8.57
N SER A 489 24.01 -13.21 -9.29
CA SER A 489 25.17 -13.82 -8.66
C SER A 489 26.12 -12.80 -8.03
N GLN A 490 25.82 -11.50 -8.13
CA GLN A 490 26.68 -10.47 -7.57
C GLN A 490 26.22 -9.98 -6.20
N VAL A 491 25.06 -10.44 -5.72
CA VAL A 491 24.54 -9.99 -4.43
C VAL A 491 24.19 -11.21 -3.58
N SER A 492 24.10 -10.96 -2.27
CA SER A 492 23.69 -11.97 -1.31
C SER A 492 23.00 -11.29 -0.15
N ASN A 493 22.72 -12.06 0.91
CA ASN A 493 22.01 -11.57 2.08
C ASN A 493 20.68 -10.92 1.70
N VAL A 494 20.03 -11.50 0.70
CA VAL A 494 18.74 -11.03 0.22
C VAL A 494 17.66 -11.74 1.03
N THR A 495 16.90 -10.95 1.81
CA THR A 495 15.74 -11.44 2.54
C THR A 495 14.51 -10.77 2.00
N VAL A 496 13.46 -11.54 1.75
CA VAL A 496 12.17 -11.00 1.37
C VAL A 496 11.35 -10.78 2.63
N THR A 497 10.82 -9.56 2.78
CA THR A 497 10.07 -9.21 3.99
C THR A 497 8.65 -9.75 3.92
N TRP A 498 7.96 -9.61 5.05
CA TRP A 498 6.59 -10.07 5.23
C TRP A 498 5.62 -9.48 4.20
N ASN A 499 5.95 -8.34 3.60
CA ASN A 499 5.07 -7.72 2.62
C ASN A 499 5.62 -7.80 1.20
N GLY A 500 6.60 -8.69 0.97
CA GLY A 500 7.05 -9.01 -0.37
C GLY A 500 8.18 -8.17 -0.91
N LEU A 501 8.68 -7.21 -0.16
CA LEU A 501 9.76 -6.38 -0.67
C LEU A 501 11.11 -6.91 -0.23
N PRO A 502 12.14 -6.72 -1.02
CA PRO A 502 13.51 -7.00 -0.55
C PRO A 502 13.81 -6.15 0.68
N ASP A 503 14.62 -6.70 1.57
CA ASP A 503 15.11 -5.92 2.71
C ASP A 503 16.32 -5.13 2.21
N TYR A 504 16.04 -3.98 1.59
CA TYR A 504 17.04 -3.30 0.77
C TYR A 504 18.31 -3.00 1.55
N GLU A 505 18.17 -2.48 2.77
CA GLU A 505 19.35 -2.03 3.51
C GLU A 505 20.33 -3.17 3.76
N ASN A 506 19.84 -4.41 3.82
CA ASN A 506 20.68 -5.54 4.19
C ASN A 506 21.22 -6.33 2.99
N ILE A 507 20.89 -5.94 1.76
CA ILE A 507 21.49 -6.60 0.60
C ILE A 507 22.98 -6.30 0.54
N VAL A 508 23.77 -7.34 0.25
CA VAL A 508 25.22 -7.23 0.13
C VAL A 508 25.62 -7.46 -1.32
N LYS A 509 26.58 -6.66 -1.79
CA LYS A 509 27.10 -6.79 -3.16
C LYS A 509 28.62 -6.82 -3.10
N ALA A 510 29.20 -7.91 -3.61
CA ALA A 510 30.65 -8.02 -3.68
C ALA A 510 31.20 -7.07 -4.73
N VAL B 1 0.17 0.27 1.27
CA VAL B 1 0.26 1.07 0.05
C VAL B 1 -0.45 0.36 -1.07
N VAL B 2 -0.98 1.12 -2.03
CA VAL B 2 -1.58 0.49 -3.20
C VAL B 2 -0.46 -0.10 -4.06
N VAL B 3 -0.66 -1.33 -4.47
CA VAL B 3 0.43 -2.11 -5.05
C VAL B 3 0.41 -1.95 -6.57
N ALA B 4 1.61 -1.95 -7.15
CA ALA B 4 1.79 -1.84 -8.62
C ALA B 4 1.13 -3.07 -9.25
#